data_2F2T
#
_entry.id   2F2T
#
_cell.length_a   58.960
_cell.length_b   75.493
_cell.length_c   86.324
_cell.angle_alpha   90.00
_cell.angle_beta   90.05
_cell.angle_gamma   90.00
#
_symmetry.space_group_name_H-M   'C 1 2 1'
#
loop_
_entity.id
_entity.type
_entity.pdbx_description
1 polymer 'Nucleoside 2-deoxyribosyltransferase'
2 non-polymer 'SULFATE ION'
3 non-polymer ISOQUINOLIN-5-AMINE
4 non-polymer GLYCEROL
5 water water
#
_entity_poly.entity_id   1
_entity_poly.type   'polypeptide(L)'
_entity_poly.pdbx_seq_one_letter_code
;(MSE)AHHHHHH(MSE)RKIYIAGPAVFNPD(MSE)GASYYNKVRELLKKENV(MSE)PLIPTDNEATEALDIRQKNIQ
(MSE)IKDCDAVIADLSPFRGHEPDCGTAFEVGCAAALNK(MSE)VLTFTSDRRN(MSE)REKYGSGVDKDNLRVEGFGL
PFNL(MSE)LYDGVEVFDSFESAFKYFLANFPSK
;
_entity_poly.pdbx_strand_id   A,B
#
loop_
_chem_comp.id
_chem_comp.type
_chem_comp.name
_chem_comp.formula
5IQ non-polymer ISOQUINOLIN-5-AMINE 'C9 H8 N2'
GOL non-polymer GLYCEROL 'C3 H8 O3'
SO4 non-polymer 'SULFATE ION' 'O4 S -2'
#
# COMPACT_ATOMS: atom_id res chain seq x y z
N HIS A 3 21.49 -38.21 -3.03
CA HIS A 3 20.23 -37.81 -3.73
C HIS A 3 19.08 -37.51 -2.76
N HIS A 4 19.39 -36.82 -1.68
CA HIS A 4 18.38 -36.25 -0.81
C HIS A 4 18.76 -34.79 -0.50
N HIS A 5 18.86 -34.01 -1.56
CA HIS A 5 19.13 -32.58 -1.46
C HIS A 5 17.88 -31.86 -0.97
N HIS A 6 18.09 -30.72 -0.31
CA HIS A 6 16.97 -29.87 0.08
C HIS A 6 16.18 -29.46 -1.15
N HIS A 7 14.86 -29.54 -1.03
CA HIS A 7 13.96 -29.10 -2.11
CA HIS A 7 13.94 -29.14 -2.10
C HIS A 7 13.11 -27.93 -1.64
N HIS A 8 13.23 -26.83 -2.37
CA HIS A 8 12.46 -25.63 -2.04
C HIS A 8 11.02 -25.80 -2.52
N MSE A 9 10.09 -25.60 -1.60
CA MSE A 9 8.68 -25.56 -1.97
C MSE A 9 8.31 -24.11 -2.23
O MSE A 9 8.50 -23.25 -1.37
CB MSE A 9 7.81 -26.15 -0.87
CG MSE A 9 6.34 -26.27 -1.26
SE MSE A 9 5.30 -27.08 0.14
CE MSE A 9 5.83 -28.94 -0.11
N ARG A 10 7.78 -23.86 -3.42
CA ARG A 10 7.37 -22.51 -3.82
C ARG A 10 6.22 -22.01 -2.95
N LYS A 11 6.25 -20.72 -2.66
CA LYS A 11 5.30 -20.10 -1.75
C LYS A 11 4.75 -18.81 -2.34
N ILE A 12 3.43 -18.64 -2.29
CA ILE A 12 2.78 -17.42 -2.78
C ILE A 12 1.97 -16.75 -1.67
N TYR A 13 2.27 -15.47 -1.42
CA TYR A 13 1.49 -14.68 -0.49
C TYR A 13 0.18 -14.26 -1.14
N ILE A 14 -0.93 -14.58 -0.47
CA ILE A 14 -2.26 -14.39 -1.02
C ILE A 14 -2.86 -13.08 -0.49
N ALA A 15 -2.54 -11.99 -1.18
CA ALA A 15 -2.97 -10.65 -0.77
C ALA A 15 -4.32 -10.30 -1.40
N GLY A 16 -5.20 -9.70 -0.61
CA GLY A 16 -6.51 -9.31 -1.12
C GLY A 16 -7.57 -9.16 -0.05
N PRO A 17 -8.63 -8.40 -0.34
CA PRO A 17 -9.69 -8.10 0.62
C PRO A 17 -10.68 -9.23 0.90
N ALA A 18 -10.40 -10.43 0.38
CA ALA A 18 -11.23 -11.61 0.66
C ALA A 18 -11.42 -11.85 2.17
N VAL A 19 -10.42 -11.47 2.96
CA VAL A 19 -10.47 -11.53 4.41
C VAL A 19 -11.69 -10.82 5.01
N PHE A 20 -12.22 -9.84 4.28
CA PHE A 20 -13.36 -9.04 4.74
C PHE A 20 -14.72 -9.61 4.32
N ASN A 21 -14.71 -10.70 3.55
CA ASN A 21 -15.94 -11.42 3.25
C ASN A 21 -16.58 -11.92 4.55
N PRO A 22 -17.92 -12.11 4.56
CA PRO A 22 -18.60 -12.60 5.76
C PRO A 22 -17.97 -13.86 6.36
N ASP A 23 -17.41 -14.72 5.51
CA ASP A 23 -16.78 -15.96 5.96
C ASP A 23 -15.29 -15.81 6.23
N MSE A 24 -14.83 -14.56 6.33
CA MSE A 24 -13.43 -14.22 6.58
C MSE A 24 -12.48 -14.72 5.48
O MSE A 24 -11.29 -14.89 5.71
CB MSE A 24 -12.98 -14.71 7.96
CG MSE A 24 -13.71 -14.07 9.13
SE MSE A 24 -13.07 -14.71 10.84
CE MSE A 24 -11.24 -14.00 10.78
N GLY A 25 -13.04 -14.96 4.30
CA GLY A 25 -12.26 -15.35 3.13
C GLY A 25 -12.21 -16.84 2.87
N ALA A 26 -12.92 -17.62 3.69
CA ALA A 26 -12.89 -19.08 3.63
C ALA A 26 -13.07 -19.63 2.21
N SER A 27 -14.13 -19.21 1.52
CA SER A 27 -14.43 -19.71 0.18
C SER A 27 -13.33 -19.36 -0.83
N TYR A 28 -12.81 -18.13 -0.75
CA TYR A 28 -11.71 -17.70 -1.62
C TYR A 28 -10.44 -18.48 -1.32
N TYR A 29 -10.07 -18.54 -0.04
CA TYR A 29 -8.84 -19.22 0.39
C TYR A 29 -8.88 -20.72 0.11
N ASN A 30 -10.05 -21.34 0.28
CA ASN A 30 -10.19 -22.76 -0.04
C ASN A 30 -9.96 -23.05 -1.52
N LYS A 31 -10.48 -22.17 -2.38
CA LYS A 31 -10.25 -22.26 -3.82
C LYS A 31 -8.77 -22.12 -4.17
N VAL A 32 -8.12 -21.15 -3.52
CA VAL A 32 -6.68 -20.93 -3.66
C VAL A 32 -5.90 -22.17 -3.22
N ARG A 33 -6.22 -22.68 -2.03
CA ARG A 33 -5.56 -23.86 -1.48
CA ARG A 33 -5.54 -23.86 -1.48
C ARG A 33 -5.62 -25.04 -2.44
N GLU A 34 -6.81 -25.29 -2.99
CA GLU A 34 -7.04 -26.40 -3.91
C GLU A 34 -6.22 -26.25 -5.20
N LEU A 35 -6.23 -25.05 -5.77
CA LEU A 35 -5.53 -24.75 -7.01
C LEU A 35 -4.01 -24.92 -6.85
N LEU A 36 -3.47 -24.37 -5.76
CA LEU A 36 -2.03 -24.41 -5.51
C LEU A 36 -1.53 -25.79 -5.10
N LYS A 37 -2.37 -26.56 -4.40
CA LYS A 37 -2.05 -27.92 -3.97
C LYS A 37 -1.62 -28.80 -5.14
N LYS A 38 -2.32 -28.64 -6.27
CA LYS A 38 -2.05 -29.43 -7.48
C LYS A 38 -0.65 -29.23 -8.05
N GLU A 39 -0.06 -28.06 -7.76
CA GLU A 39 1.25 -27.70 -8.30
C GLU A 39 2.34 -27.69 -7.23
N ASN A 40 2.02 -28.25 -6.06
CA ASN A 40 2.92 -28.28 -4.91
C ASN A 40 3.43 -26.89 -4.52
N VAL A 41 2.54 -25.91 -4.62
CA VAL A 41 2.83 -24.54 -4.20
C VAL A 41 2.08 -24.28 -2.89
N MSE A 42 2.75 -23.63 -1.95
CA MSE A 42 2.15 -23.35 -0.65
C MSE A 42 1.55 -21.95 -0.62
O MSE A 42 2.27 -20.97 -0.84
CB MSE A 42 3.18 -23.49 0.47
CG MSE A 42 2.58 -23.70 1.85
SE MSE A 42 3.87 -23.33 3.26
CE MSE A 42 5.39 -24.27 2.54
N PRO A 43 0.24 -21.85 -0.35
CA PRO A 43 -0.36 -20.54 -0.11
C PRO A 43 0.05 -19.98 1.25
N LEU A 44 0.49 -18.72 1.27
CA LEU A 44 0.72 -18.00 2.51
C LEU A 44 -0.46 -17.04 2.68
N ILE A 45 -1.35 -17.39 3.60
CA ILE A 45 -2.64 -16.74 3.72
C ILE A 45 -2.68 -15.84 4.97
N PRO A 46 -3.11 -14.57 4.79
CA PRO A 46 -3.11 -13.54 5.84
C PRO A 46 -3.73 -13.96 7.18
N THR A 47 -4.71 -14.86 7.14
CA THR A 47 -5.43 -15.27 8.36
C THR A 47 -4.87 -16.53 9.02
N ASP A 48 -3.85 -17.15 8.42
CA ASP A 48 -3.29 -18.38 8.96
C ASP A 48 -2.63 -18.17 10.33
N ASN A 49 -2.97 -19.04 11.27
CA ASN A 49 -2.50 -18.95 12.66
C ASN A 49 -2.60 -17.53 13.23
N GLU A 50 -3.75 -16.90 13.00
CA GLU A 50 -3.92 -15.47 13.27
C GLU A 50 -3.77 -15.13 14.76
N ALA A 51 -2.92 -14.13 15.03
CA ALA A 51 -2.74 -13.61 16.37
C ALA A 51 -3.93 -12.71 16.75
N THR A 52 -3.93 -12.22 17.98
CA THR A 52 -5.00 -11.36 18.48
C THR A 52 -4.65 -9.88 18.39
N GLU A 53 -3.35 -9.57 18.47
CA GLU A 53 -2.87 -8.18 18.45
C GLU A 53 -2.60 -7.71 17.03
N ALA A 54 -3.06 -6.51 16.71
CA ALA A 54 -2.89 -5.92 15.37
C ALA A 54 -1.44 -5.96 14.89
N LEU A 55 -0.51 -5.54 15.75
CA LEU A 55 0.91 -5.49 15.39
C LEU A 55 1.50 -6.86 15.10
N ASP A 56 1.01 -7.88 15.81
CA ASP A 56 1.45 -9.26 15.61
C ASP A 56 0.94 -9.80 14.28
N ILE A 57 -0.32 -9.51 13.97
CA ILE A 57 -0.91 -9.89 12.68
C ILE A 57 -0.14 -9.23 11.53
N ARG A 58 0.13 -7.94 11.68
CA ARG A 58 0.90 -7.20 10.68
C ARG A 58 2.30 -7.80 10.50
N GLN A 59 2.99 -8.04 11.61
CA GLN A 59 4.35 -8.59 11.55
C GLN A 59 4.40 -9.95 10.86
N LYS A 60 3.43 -10.81 11.18
CA LYS A 60 3.33 -12.14 10.56
C LYS A 60 3.11 -12.04 9.05
N ASN A 61 2.28 -11.08 8.64
CA ASN A 61 2.01 -10.87 7.22
C ASN A 61 3.20 -10.29 6.46
N ILE A 62 3.92 -9.36 7.07
CA ILE A 62 5.15 -8.84 6.48
C ILE A 62 6.18 -9.97 6.33
N GLN A 63 6.26 -10.83 7.34
CA GLN A 63 7.19 -11.96 7.30
C GLN A 63 6.84 -12.95 6.18
N MSE A 64 5.55 -13.17 5.97
CA MSE A 64 5.09 -14.02 4.86
C MSE A 64 5.53 -13.47 3.51
O MSE A 64 5.94 -14.22 2.63
CB MSE A 64 3.57 -14.18 4.89
CG MSE A 64 3.05 -15.07 6.00
SE MSE A 64 1.12 -15.32 5.87
CE MSE A 64 0.82 -16.20 7.59
N ILE A 65 5.46 -12.14 3.36
CA ILE A 65 5.93 -11.48 2.15
C ILE A 65 7.45 -11.67 1.98
N LYS A 66 8.19 -11.50 3.08
CA LYS A 66 9.63 -11.75 3.07
C LYS A 66 9.97 -13.19 2.68
N ASP A 67 9.11 -14.13 3.09
CA ASP A 67 9.35 -15.56 2.87
C ASP A 67 8.85 -16.08 1.52
N CYS A 68 8.00 -15.31 0.84
CA CYS A 68 7.36 -15.78 -0.39
C CYS A 68 8.27 -15.70 -1.62
N ASP A 69 7.88 -16.44 -2.66
CA ASP A 69 8.54 -16.35 -3.96
C ASP A 69 7.83 -15.32 -4.83
N ALA A 70 6.51 -15.21 -4.63
CA ALA A 70 5.71 -14.22 -5.33
C ALA A 70 4.49 -13.83 -4.51
N VAL A 71 3.96 -12.66 -4.80
CA VAL A 71 2.66 -12.23 -4.28
C VAL A 71 1.65 -12.26 -5.43
N ILE A 72 0.51 -12.89 -5.21
CA ILE A 72 -0.64 -12.69 -6.08
C ILE A 72 -1.65 -11.82 -5.34
N ALA A 73 -1.86 -10.61 -5.85
CA ALA A 73 -2.65 -9.60 -5.17
C ALA A 73 -3.96 -9.31 -5.87
N ASP A 74 -5.05 -9.41 -5.11
CA ASP A 74 -6.37 -9.06 -5.59
C ASP A 74 -6.59 -7.56 -5.45
N LEU A 75 -6.45 -6.84 -6.57
CA LEU A 75 -6.64 -5.40 -6.58
C LEU A 75 -8.01 -5.03 -7.15
N SER A 76 -8.99 -5.91 -6.96
CA SER A 76 -10.37 -5.65 -7.38
C SER A 76 -10.94 -4.45 -6.63
N PRO A 77 -11.95 -3.77 -7.20
CA PRO A 77 -12.62 -2.70 -6.47
C PRO A 77 -13.00 -3.15 -5.06
N PHE A 78 -12.67 -2.31 -4.08
CA PHE A 78 -13.06 -2.57 -2.70
C PHE A 78 -13.65 -1.30 -2.11
N ARG A 79 -14.94 -1.35 -1.78
CA ARG A 79 -15.69 -0.22 -1.23
C ARG A 79 -15.69 0.99 -2.17
N GLY A 80 -15.79 0.71 -3.47
CA GLY A 80 -15.71 1.72 -4.53
C GLY A 80 -14.75 1.25 -5.61
N HIS A 81 -14.31 2.17 -6.45
CA HIS A 81 -13.42 1.83 -7.57
C HIS A 81 -11.95 1.59 -7.17
N GLU A 82 -11.59 1.96 -5.94
CA GLU A 82 -10.21 1.84 -5.47
C GLU A 82 -9.95 0.44 -4.90
N PRO A 83 -8.76 -0.13 -5.16
CA PRO A 83 -8.37 -1.37 -4.50
C PRO A 83 -8.28 -1.21 -2.98
N ASP A 84 -8.17 -2.34 -2.28
CA ASP A 84 -7.99 -2.37 -0.83
C ASP A 84 -6.61 -1.84 -0.42
N CYS A 85 -6.59 -0.92 0.55
CA CYS A 85 -5.32 -0.32 0.98
CA CYS A 85 -5.35 -0.32 1.05
C CYS A 85 -4.38 -1.30 1.68
N GLY A 86 -4.93 -2.30 2.36
CA GLY A 86 -4.13 -3.33 3.02
C GLY A 86 -3.37 -4.14 2.00
N THR A 87 -4.07 -4.52 0.93
CA THR A 87 -3.48 -5.19 -0.21
C THR A 87 -2.42 -4.31 -0.88
N ALA A 88 -2.74 -3.02 -1.02
CA ALA A 88 -1.81 -2.04 -1.61
C ALA A 88 -0.52 -1.94 -0.79
N PHE A 89 -0.65 -1.92 0.54
CA PHE A 89 0.50 -1.93 1.45
C PHE A 89 1.37 -3.15 1.19
N GLU A 90 0.72 -4.31 1.03
CA GLU A 90 1.43 -5.57 0.82
C GLU A 90 2.17 -5.63 -0.52
N VAL A 91 1.55 -5.04 -1.55
CA VAL A 91 2.18 -4.88 -2.86
C VAL A 91 3.42 -3.98 -2.76
N GLY A 92 3.31 -2.91 -1.98
CA GLY A 92 4.45 -2.02 -1.73
C GLY A 92 5.60 -2.72 -1.01
N CYS A 93 5.26 -3.48 0.02
CA CYS A 93 6.24 -4.28 0.76
CA CYS A 93 6.24 -4.29 0.76
C CYS A 93 6.99 -5.20 -0.18
N ALA A 94 6.25 -5.97 -0.99
CA ALA A 94 6.82 -6.91 -1.94
C ALA A 94 7.71 -6.23 -2.98
N ALA A 95 7.29 -5.08 -3.49
CA ALA A 95 8.07 -4.30 -4.46
C ALA A 95 9.41 -3.87 -3.90
N ALA A 96 9.42 -3.38 -2.67
CA ALA A 96 10.65 -2.95 -1.99
C ALA A 96 11.61 -4.11 -1.77
N LEU A 97 11.05 -5.31 -1.57
CA LEU A 97 11.84 -6.52 -1.32
C LEU A 97 12.20 -7.27 -2.62
N ASN A 98 11.92 -6.63 -3.76
CA ASN A 98 12.21 -7.19 -5.08
CA ASN A 98 12.21 -7.18 -5.09
C ASN A 98 11.55 -8.55 -5.35
N LYS A 99 10.35 -8.73 -4.80
CA LYS A 99 9.59 -9.96 -5.01
C LYS A 99 8.82 -9.87 -6.33
N MSE A 100 8.55 -11.03 -6.93
CA MSE A 100 7.64 -11.08 -8.06
C MSE A 100 6.23 -10.73 -7.59
O MSE A 100 5.68 -11.39 -6.70
CB MSE A 100 7.65 -12.47 -8.71
CG MSE A 100 6.63 -12.62 -9.83
SE MSE A 100 6.63 -14.40 -10.60
CE MSE A 100 8.26 -14.23 -11.66
N VAL A 101 5.66 -9.68 -8.18
CA VAL A 101 4.31 -9.24 -7.83
C VAL A 101 3.38 -9.44 -9.01
N LEU A 102 2.31 -10.21 -8.77
CA LEU A 102 1.30 -10.48 -9.79
C LEU A 102 -0.04 -9.97 -9.29
N THR A 103 -0.70 -9.15 -10.10
CA THR A 103 -1.96 -8.53 -9.68
C THR A 103 -3.11 -8.91 -10.60
N PHE A 104 -4.31 -8.97 -10.02
CA PHE A 104 -5.52 -9.15 -10.82
C PHE A 104 -6.66 -8.27 -10.32
N THR A 105 -7.67 -8.09 -11.16
CA THR A 105 -8.87 -7.33 -10.78
C THR A 105 -10.09 -7.81 -11.56
N SER A 106 -11.26 -7.69 -10.93
CA SER A 106 -12.53 -8.01 -11.57
C SER A 106 -13.00 -6.89 -12.51
N ASP A 107 -12.27 -5.77 -12.51
CA ASP A 107 -12.60 -4.61 -13.35
C ASP A 107 -11.32 -4.00 -13.94
N ARG A 108 -11.06 -4.29 -15.21
CA ARG A 108 -9.81 -3.88 -15.88
C ARG A 108 -9.89 -2.54 -16.62
N ARG A 109 -11.04 -1.88 -16.57
CA ARG A 109 -11.23 -0.58 -17.22
C ARG A 109 -10.28 0.45 -16.64
N ASN A 110 -9.88 1.44 -17.43
CA ASN A 110 -9.07 2.57 -16.95
CA ASN A 110 -9.02 2.49 -16.87
C ASN A 110 -9.81 3.31 -15.84
N MSE A 111 -9.07 3.93 -14.92
CA MSE A 111 -9.67 4.69 -13.84
C MSE A 111 -10.69 5.72 -14.33
O MSE A 111 -11.76 5.88 -13.74
CB MSE A 111 -8.61 5.37 -12.99
CG MSE A 111 -7.73 4.41 -12.22
SE MSE A 111 -6.64 5.38 -10.93
CE MSE A 111 -8.03 5.82 -9.63
N ARG A 112 -10.37 6.41 -15.42
CA ARG A 112 -11.26 7.45 -15.96
C ARG A 112 -12.53 6.87 -16.58
N GLU A 113 -12.45 5.65 -17.08
CA GLU A 113 -13.63 4.92 -17.53
C GLU A 113 -14.51 4.55 -16.33
N LYS A 114 -13.87 4.12 -15.24
CA LYS A 114 -14.57 3.72 -14.02
C LYS A 114 -15.31 4.89 -13.39
N TYR A 115 -14.63 6.03 -13.27
CA TYR A 115 -15.24 7.24 -12.69
C TYR A 115 -16.07 8.01 -13.71
N GLY A 116 -15.90 7.69 -14.99
CA GLY A 116 -16.65 8.32 -16.06
C GLY A 116 -16.23 9.75 -16.37
N SER A 117 -15.09 10.15 -15.80
CA SER A 117 -14.58 11.52 -15.91
C SER A 117 -13.11 11.58 -15.51
N GLY A 118 -12.48 12.73 -15.74
CA GLY A 118 -11.12 12.97 -15.28
C GLY A 118 -11.07 13.40 -13.81
N VAL A 119 -12.25 13.61 -13.23
CA VAL A 119 -12.40 13.93 -11.81
C VAL A 119 -13.51 13.09 -11.18
N ASP A 120 -13.44 12.88 -9.87
CA ASP A 120 -14.53 12.21 -9.14
C ASP A 120 -15.63 13.21 -8.76
N LYS A 121 -16.61 12.75 -7.98
CA LYS A 121 -17.75 13.59 -7.59
C LYS A 121 -17.37 14.83 -6.77
N ASP A 122 -16.18 14.81 -6.17
CA ASP A 122 -15.69 15.91 -5.34
C ASP A 122 -14.63 16.76 -6.06
N ASN A 123 -14.53 16.58 -7.37
CA ASN A 123 -13.58 17.32 -8.22
C ASN A 123 -12.11 16.94 -7.98
N LEU A 124 -11.89 15.74 -7.43
CA LEU A 124 -10.55 15.23 -7.21
C LEU A 124 -10.08 14.44 -8.44
N ARG A 125 -8.83 14.69 -8.85
CA ARG A 125 -8.30 14.18 -10.10
C ARG A 125 -8.25 12.66 -10.15
N VAL A 126 -8.69 12.12 -11.30
CA VAL A 126 -8.60 10.69 -11.58
C VAL A 126 -7.45 10.49 -12.57
N GLU A 127 -6.49 9.64 -12.19
CA GLU A 127 -5.29 9.39 -13.01
C GLU A 127 -5.60 9.04 -14.46
N GLY A 128 -4.78 9.56 -15.38
CA GLY A 128 -4.96 9.33 -16.81
C GLY A 128 -3.75 8.69 -17.45
N PHE A 129 -3.46 7.46 -17.03
CA PHE A 129 -2.29 6.72 -17.54
C PHE A 129 -2.67 5.41 -18.22
N GLY A 130 -3.96 5.23 -18.52
CA GLY A 130 -4.45 4.00 -19.16
C GLY A 130 -4.34 2.77 -18.28
N LEU A 131 -4.47 2.98 -16.97
CA LEU A 131 -4.34 1.92 -15.97
C LEU A 131 -5.61 1.80 -15.14
N PRO A 132 -5.90 0.58 -14.61
CA PRO A 132 -7.15 0.36 -13.87
C PRO A 132 -7.15 0.86 -12.42
N PHE A 133 -5.99 1.26 -11.91
CA PHE A 133 -5.85 1.73 -10.53
C PHE A 133 -4.61 2.57 -10.36
N ASN A 134 -4.41 3.08 -9.15
CA ASN A 134 -3.26 3.90 -8.81
C ASN A 134 -1.98 3.37 -9.44
N LEU A 135 -1.26 4.24 -10.15
CA LEU A 135 -0.09 3.84 -10.93
C LEU A 135 1.03 3.19 -10.11
N MSE A 136 1.07 3.46 -8.81
CA MSE A 136 2.06 2.82 -7.93
C MSE A 136 1.91 1.30 -7.92
O MSE A 136 2.86 0.57 -7.69
CB MSE A 136 1.98 3.37 -6.51
CG MSE A 136 2.29 4.85 -6.37
SE MSE A 136 4.01 5.39 -7.11
CE MSE A 136 5.18 4.42 -5.89
N LEU A 137 0.68 0.83 -8.18
CA LEU A 137 0.34 -0.58 -8.11
C LEU A 137 0.67 -1.36 -9.38
N TYR A 138 1.17 -0.66 -10.41
CA TYR A 138 1.52 -1.28 -11.68
C TYR A 138 3.04 -1.29 -11.86
N ASP A 139 3.61 -2.46 -12.13
CA ASP A 139 5.07 -2.57 -12.26
C ASP A 139 5.57 -3.06 -13.63
N GLY A 140 4.67 -3.15 -14.60
CA GLY A 140 5.03 -3.57 -15.96
C GLY A 140 4.51 -4.95 -16.32
N VAL A 141 4.26 -5.77 -15.30
CA VAL A 141 3.62 -7.07 -15.51
C VAL A 141 2.14 -6.83 -15.84
N GLU A 142 1.62 -7.62 -16.77
CA GLU A 142 0.20 -7.57 -17.15
C GLU A 142 -0.70 -7.64 -15.92
N VAL A 143 -1.76 -6.83 -15.93
CA VAL A 143 -2.82 -6.93 -14.92
C VAL A 143 -3.79 -8.04 -15.37
N PHE A 144 -3.84 -9.11 -14.57
CA PHE A 144 -4.64 -10.29 -14.91
C PHE A 144 -6.11 -10.12 -14.53
N ASP A 145 -6.98 -10.99 -15.05
CA ASP A 145 -8.43 -10.95 -14.86
CA ASP A 145 -8.40 -10.84 -14.76
C ASP A 145 -8.90 -11.81 -13.68
N SER A 146 -8.01 -12.67 -13.19
CA SER A 146 -8.36 -13.60 -12.12
C SER A 146 -7.12 -14.09 -11.39
N PHE A 147 -7.33 -14.70 -10.22
CA PHE A 147 -6.27 -15.36 -9.48
C PHE A 147 -5.63 -16.46 -10.35
N GLU A 148 -6.48 -17.25 -11.00
CA GLU A 148 -6.05 -18.38 -11.81
C GLU A 148 -5.09 -17.97 -12.94
N SER A 149 -5.43 -16.89 -13.63
CA SER A 149 -4.59 -16.39 -14.73
CA SER A 149 -4.59 -16.38 -14.74
C SER A 149 -3.25 -15.86 -14.23
N ALA A 150 -3.27 -15.20 -13.07
CA ALA A 150 -2.03 -14.74 -12.43
C ALA A 150 -1.18 -15.94 -12.04
N PHE A 151 -1.82 -16.98 -11.52
CA PHE A 151 -1.14 -18.20 -11.09
C PHE A 151 -0.46 -18.91 -12.27
N LYS A 152 -1.10 -18.88 -13.44
CA LYS A 152 -0.52 -19.47 -14.65
C LYS A 152 0.78 -18.77 -15.04
N TYR A 153 0.80 -17.44 -14.92
CA TYR A 153 2.03 -16.68 -15.15
C TYR A 153 3.11 -17.11 -14.15
N PHE A 154 2.74 -17.26 -12.88
CA PHE A 154 3.69 -17.71 -11.87
C PHE A 154 4.35 -19.02 -12.28
N LEU A 155 3.52 -19.99 -12.66
CA LEU A 155 4.00 -21.32 -13.01
C LEU A 155 4.94 -21.31 -14.21
N ALA A 156 4.69 -20.41 -15.16
CA ALA A 156 5.50 -20.28 -16.35
C ALA A 156 6.82 -19.54 -16.10
N ASN A 157 6.82 -18.66 -15.10
CA ASN A 157 7.95 -17.75 -14.86
C ASN A 157 8.70 -17.97 -13.56
N PHE A 158 8.21 -18.89 -12.74
CA PHE A 158 8.91 -19.30 -11.52
C PHE A 158 8.85 -20.83 -11.38
N PRO A 159 9.69 -21.54 -12.14
CA PRO A 159 9.68 -23.01 -12.09
C PRO A 159 10.36 -23.57 -10.85
N SER A 160 10.16 -24.85 -10.59
CA SER A 160 10.82 -25.55 -9.49
C SER A 160 12.24 -25.96 -9.88
N HIS B 3 37.81 21.34 9.03
CA HIS B 3 36.33 21.15 9.05
C HIS B 3 35.86 20.59 7.72
N HIS B 4 34.71 21.07 7.26
CA HIS B 4 34.13 20.75 5.97
C HIS B 4 33.97 19.24 5.75
N HIS B 5 33.51 18.57 6.80
CA HIS B 5 33.01 17.21 6.73
C HIS B 5 31.69 17.23 5.97
N HIS B 6 31.36 16.11 5.32
CA HIS B 6 30.05 15.97 4.69
C HIS B 6 28.95 16.13 5.73
N HIS B 7 27.94 16.91 5.37
CA HIS B 7 26.77 17.08 6.23
CA HIS B 7 26.77 17.10 6.23
C HIS B 7 25.53 16.52 5.54
N HIS B 8 24.87 15.60 6.23
CA HIS B 8 23.66 14.98 5.70
C HIS B 8 22.48 15.93 5.90
N MSE B 9 21.76 16.21 4.81
CA MSE B 9 20.51 16.94 4.91
C MSE B 9 19.38 15.94 5.02
O MSE B 9 19.22 15.06 4.18
CB MSE B 9 20.31 17.84 3.70
CG MSE B 9 19.10 18.73 3.80
SE MSE B 9 18.95 19.90 2.27
CE MSE B 9 20.25 21.24 2.77
N ARG B 10 18.58 16.09 6.07
CA ARG B 10 17.45 15.20 6.32
C ARG B 10 16.40 15.35 5.22
N LYS B 11 15.78 14.23 4.87
CA LYS B 11 14.82 14.17 3.77
C LYS B 11 13.58 13.41 4.19
N ILE B 12 12.42 13.98 3.89
CA ILE B 12 11.15 13.33 4.20
C ILE B 12 10.32 13.12 2.93
N TYR B 13 9.92 11.88 2.67
CA TYR B 13 9.03 11.59 1.56
C TYR B 13 7.60 11.98 1.94
N ILE B 14 6.98 12.77 1.07
CA ILE B 14 5.68 13.37 1.36
C ILE B 14 4.58 12.56 0.68
N ALA B 15 4.15 11.51 1.36
CA ALA B 15 3.14 10.58 0.83
C ALA B 15 1.73 11.06 1.16
N GLY B 16 0.83 10.97 0.18
CA GLY B 16 -0.56 11.38 0.40
C GLY B 16 -1.30 11.79 -0.85
N PRO B 17 -2.64 11.76 -0.80
CA PRO B 17 -3.48 12.03 -1.97
C PRO B 17 -3.68 13.51 -2.32
N ALA B 18 -2.89 14.40 -1.73
CA ALA B 18 -2.93 15.82 -2.09
C ALA B 18 -2.66 16.03 -3.59
N VAL B 19 -1.88 15.13 -4.18
CA VAL B 19 -1.60 15.12 -5.62
C VAL B 19 -2.88 15.13 -6.48
N PHE B 20 -3.98 14.63 -5.91
CA PHE B 20 -5.26 14.55 -6.62
C PHE B 20 -6.15 15.77 -6.41
N ASN B 21 -5.69 16.72 -5.60
CA ASN B 21 -6.37 18.00 -5.49
C ASN B 21 -6.41 18.69 -6.85
N PRO B 22 -7.40 19.59 -7.08
CA PRO B 22 -7.48 20.28 -8.37
C PRO B 22 -6.19 20.99 -8.78
N ASP B 23 -5.41 21.43 -7.79
CA ASP B 23 -4.15 22.13 -8.06
C ASP B 23 -2.95 21.20 -8.08
N MSE B 24 -3.22 19.89 -8.15
CA MSE B 24 -2.19 18.84 -8.15
C MSE B 24 -1.34 18.84 -6.87
O MSE B 24 -0.21 18.37 -6.86
CB MSE B 24 -1.30 18.93 -9.39
CG MSE B 24 -2.03 18.73 -10.71
SE MSE B 24 -0.82 18.79 -12.22
CE MSE B 24 0.19 17.14 -11.88
N GLY B 25 -1.92 19.37 -5.79
CA GLY B 25 -1.28 19.37 -4.47
C GLY B 25 -0.46 20.59 -4.15
N ALA B 26 -0.48 21.57 -5.05
CA ALA B 26 0.31 22.80 -4.90
C ALA B 26 0.19 23.42 -3.51
N SER B 27 -1.03 23.66 -3.05
CA SER B 27 -1.26 24.32 -1.75
C SER B 27 -0.73 23.50 -0.58
N TYR B 28 -0.91 22.18 -0.64
CA TYR B 28 -0.41 21.26 0.39
C TYR B 28 1.13 21.23 0.38
N TYR B 29 1.70 20.99 -0.80
CA TYR B 29 3.14 20.90 -0.95
C TYR B 29 3.86 22.20 -0.61
N ASN B 30 3.27 23.34 -0.96
CA ASN B 30 3.83 24.64 -0.60
C ASN B 30 3.92 24.83 0.91
N LYS B 31 2.87 24.42 1.63
CA LYS B 31 2.85 24.47 3.09
C LYS B 31 3.91 23.56 3.69
N VAL B 32 4.05 22.36 3.10
CA VAL B 32 5.08 21.40 3.47
C VAL B 32 6.48 21.99 3.26
N ARG B 33 6.71 22.55 2.08
CA ARG B 33 7.99 23.16 1.72
CA ARG B 33 8.00 23.15 1.73
C ARG B 33 8.40 24.24 2.72
N GLU B 34 7.45 25.11 3.07
CA GLU B 34 7.70 26.21 4.00
C GLU B 34 8.05 25.71 5.41
N LEU B 35 7.30 24.72 5.88
CA LEU B 35 7.48 24.15 7.21
C LEU B 35 8.84 23.47 7.36
N LEU B 36 9.20 22.68 6.35
CA LEU B 36 10.45 21.92 6.36
C LEU B 36 11.68 22.79 6.12
N LYS B 37 11.52 23.84 5.30
CA LYS B 37 12.60 24.79 5.00
C LYS B 37 13.20 25.38 6.28
N LYS B 38 12.33 25.69 7.24
CA LYS B 38 12.73 26.27 8.53
C LYS B 38 13.68 25.37 9.32
N GLU B 39 13.59 24.06 9.10
CA GLU B 39 14.38 23.09 9.85
C GLU B 39 15.48 22.44 9.00
N ASN B 40 15.73 23.00 7.82
CA ASN B 40 16.71 22.47 6.88
C ASN B 40 16.43 21.02 6.49
N VAL B 41 15.15 20.69 6.38
CA VAL B 41 14.72 19.35 5.95
C VAL B 41 14.22 19.46 4.51
N MSE B 42 14.64 18.50 3.67
CA MSE B 42 14.23 18.49 2.27
C MSE B 42 12.98 17.63 2.08
O MSE B 42 12.99 16.44 2.41
CB MSE B 42 15.36 17.98 1.39
CG MSE B 42 15.24 18.39 -0.07
SE MSE B 42 16.37 17.31 -1.24
CE MSE B 42 18.01 17.35 -0.21
N PRO B 43 11.90 18.23 1.55
CA PRO B 43 10.74 17.43 1.17
C PRO B 43 11.02 16.66 -0.13
N LEU B 44 10.70 15.37 -0.13
CA LEU B 44 10.71 14.59 -1.35
C LEU B 44 9.26 14.42 -1.78
N ILE B 45 8.90 15.15 -2.83
CA ILE B 45 7.51 15.30 -3.24
C ILE B 45 7.22 14.49 -4.51
N PRO B 46 6.15 13.67 -4.47
CA PRO B 46 5.79 12.75 -5.57
C PRO B 46 5.75 13.34 -6.98
N THR B 47 5.42 14.63 -7.09
CA THR B 47 5.28 15.29 -8.39
C THR B 47 6.53 16.05 -8.86
N ASP B 48 7.58 16.06 -8.05
CA ASP B 48 8.80 16.78 -8.38
C ASP B 48 9.50 16.16 -9.59
N ASN B 49 9.89 17.00 -10.55
CA ASN B 49 10.51 16.58 -11.81
C ASN B 49 9.74 15.44 -12.48
N GLU B 50 8.42 15.60 -12.58
CA GLU B 50 7.52 14.51 -12.96
C GLU B 50 7.74 14.01 -14.39
N ALA B 51 7.93 12.71 -14.51
CA ALA B 51 8.05 12.05 -15.81
C ALA B 51 6.68 11.91 -16.46
N THR B 52 6.65 11.41 -17.70
CA THR B 52 5.40 11.24 -18.44
C THR B 52 4.86 9.81 -18.35
N GLU B 53 5.77 8.84 -18.24
CA GLU B 53 5.41 7.42 -18.20
C GLU B 53 5.15 6.95 -16.77
N ALA B 54 4.05 6.22 -16.59
CA ALA B 54 3.64 5.70 -15.28
C ALA B 54 4.77 4.98 -14.55
N LEU B 55 5.47 4.10 -15.25
CA LEU B 55 6.55 3.31 -14.64
C LEU B 55 7.71 4.17 -14.16
N ASP B 56 8.01 5.25 -14.89
CA ASP B 56 9.06 6.18 -14.52
C ASP B 56 8.69 6.99 -13.29
N ILE B 57 7.44 7.45 -13.23
CA ILE B 57 6.90 8.15 -12.06
C ILE B 57 6.97 7.24 -10.83
N ARG B 58 6.54 5.99 -11.00
CA ARG B 58 6.60 5.00 -9.93
C ARG B 58 8.03 4.76 -9.45
N GLN B 59 8.94 4.51 -10.39
CA GLN B 59 10.35 4.25 -10.04
C GLN B 59 10.98 5.41 -9.28
N LYS B 60 10.68 6.64 -9.73
CA LYS B 60 11.22 7.83 -9.07
C LYS B 60 10.70 7.95 -7.64
N ASN B 61 9.42 7.64 -7.45
CA ASN B 61 8.82 7.67 -6.12
C ASN B 61 9.36 6.60 -5.18
N ILE B 62 9.55 5.39 -5.71
CA ILE B 62 10.21 4.33 -4.94
C ILE B 62 11.64 4.74 -4.55
N GLN B 63 12.36 5.37 -5.49
CA GLN B 63 13.71 5.84 -5.22
C GLN B 63 13.72 6.89 -4.11
N MSE B 64 12.75 7.79 -4.13
CA MSE B 64 12.60 8.80 -3.09
C MSE B 64 12.45 8.17 -1.70
O MSE B 64 13.06 8.63 -0.74
CB MSE B 64 11.43 9.74 -3.38
CG MSE B 64 11.69 10.72 -4.50
SE MSE B 64 10.22 11.96 -4.73
CE MSE B 64 10.97 13.07 -6.12
N ILE B 65 11.65 7.12 -1.63
CA ILE B 65 11.46 6.38 -0.38
C ILE B 65 12.77 5.72 0.06
N LYS B 66 13.48 5.09 -0.88
CA LYS B 66 14.80 4.52 -0.60
C LYS B 66 15.77 5.59 -0.08
N ASP B 67 15.65 6.81 -0.59
CA ASP B 67 16.56 7.92 -0.26
C ASP B 67 16.20 8.66 1.02
N CYS B 68 14.95 8.50 1.48
CA CYS B 68 14.44 9.30 2.58
C CYS B 68 14.94 8.84 3.95
N ASP B 69 14.82 9.71 4.94
CA ASP B 69 15.09 9.37 6.33
C ASP B 69 13.79 8.95 7.00
N ALA B 70 12.70 9.56 6.57
CA ALA B 70 11.37 9.20 7.05
C ALA B 70 10.31 9.47 5.99
N VAL B 71 9.17 8.79 6.14
CA VAL B 71 7.99 9.09 5.36
C VAL B 71 6.95 9.70 6.30
N ILE B 72 6.39 10.85 5.92
CA ILE B 72 5.17 11.32 6.57
C ILE B 72 4.02 11.10 5.59
N ALA B 73 3.10 10.23 5.98
CA ALA B 73 2.02 9.78 5.10
C ALA B 73 0.66 10.28 5.52
N ASP B 74 -0.03 10.90 4.59
CA ASP B 74 -1.40 11.36 4.79
C ASP B 74 -2.37 10.21 4.54
N LEU B 75 -2.84 9.59 5.63
CA LEU B 75 -3.78 8.48 5.53
C LEU B 75 -5.21 8.93 5.82
N SER B 76 -5.51 10.19 5.50
CA SER B 76 -6.86 10.73 5.64
C SER B 76 -7.83 9.97 4.75
N PRO B 77 -9.13 9.99 5.10
CA PRO B 77 -10.14 9.41 4.21
C PRO B 77 -9.97 9.92 2.78
N PHE B 78 -9.96 8.99 1.83
CA PHE B 78 -9.88 9.34 0.41
C PHE B 78 -10.92 8.54 -0.36
N ARG B 79 -11.88 9.26 -0.93
CA ARG B 79 -13.02 8.69 -1.68
C ARG B 79 -13.84 7.72 -0.81
N GLY B 80 -13.99 8.10 0.45
CA GLY B 80 -14.67 7.29 1.47
C GLY B 80 -13.80 7.19 2.71
N HIS B 81 -14.13 6.26 3.59
CA HIS B 81 -13.42 6.10 4.87
C HIS B 81 -12.01 5.49 4.76
N GLU B 82 -11.69 4.90 3.60
CA GLU B 82 -10.38 4.26 3.41
C GLU B 82 -9.34 5.28 2.96
N PRO B 83 -8.09 5.13 3.46
CA PRO B 83 -6.98 5.96 2.95
C PRO B 83 -6.69 5.68 1.48
N ASP B 84 -5.87 6.52 0.87
CA ASP B 84 -5.44 6.37 -0.52
C ASP B 84 -4.53 5.14 -0.69
N CYS B 85 -4.82 4.32 -1.70
CA CYS B 85 -4.05 3.09 -1.90
CA CYS B 85 -4.06 3.09 -1.99
C CYS B 85 -2.61 3.34 -2.38
N GLY B 86 -2.38 4.44 -3.10
CA GLY B 86 -1.03 4.80 -3.53
C GLY B 86 -0.17 5.15 -2.33
N THR B 87 -0.73 5.92 -1.42
CA THR B 87 -0.10 6.23 -0.14
C THR B 87 0.18 4.96 0.66
N ALA B 88 -0.80 4.04 0.67
CA ALA B 88 -0.66 2.76 1.36
C ALA B 88 0.50 1.94 0.80
N PHE B 89 0.62 1.90 -0.53
CA PHE B 89 1.74 1.26 -1.21
C PHE B 89 3.07 1.84 -0.72
N GLU B 90 3.13 3.16 -0.65
CA GLU B 90 4.35 3.86 -0.23
C GLU B 90 4.73 3.58 1.22
N VAL B 91 3.72 3.48 2.08
CA VAL B 91 3.91 3.10 3.48
C VAL B 91 4.46 1.67 3.57
N GLY B 92 3.92 0.78 2.74
CA GLY B 92 4.41 -0.59 2.62
C GLY B 92 5.85 -0.66 2.17
N CYS B 93 6.18 0.10 1.14
CA CYS B 93 7.55 0.19 0.63
CA CYS B 93 7.56 0.21 0.63
C CYS B 93 8.50 0.63 1.75
N ALA B 94 8.14 1.69 2.45
CA ALA B 94 8.94 2.23 3.55
C ALA B 94 9.13 1.23 4.68
N ALA B 95 8.05 0.53 5.05
CA ALA B 95 8.10 -0.49 6.10
C ALA B 95 9.10 -1.60 5.79
N ALA B 96 9.07 -2.08 4.55
CA ALA B 96 9.98 -3.13 4.09
C ALA B 96 11.44 -2.68 4.11
N LEU B 97 11.65 -1.38 3.87
CA LEU B 97 12.99 -0.79 3.83
C LEU B 97 13.44 -0.28 5.22
N ASN B 98 12.67 -0.60 6.25
CA ASN B 98 12.97 -0.23 7.64
CA ASN B 98 12.98 -0.23 7.64
C ASN B 98 13.13 1.29 7.85
N LYS B 99 12.37 2.07 7.09
CA LYS B 99 12.36 3.52 7.23
C LYS B 99 11.44 3.92 8.36
N MSE B 100 11.71 5.07 8.98
CA MSE B 100 10.77 5.67 9.92
C MSE B 100 9.51 6.07 9.17
O MSE B 100 9.57 6.83 8.20
CB MSE B 100 11.40 6.89 10.61
CG MSE B 100 10.41 7.66 11.49
SE MSE B 100 11.26 9.14 12.42
CE MSE B 100 12.26 8.10 13.75
N VAL B 101 8.37 5.54 9.59
CA VAL B 101 7.08 5.88 8.98
C VAL B 101 6.20 6.60 9.98
N LEU B 102 5.77 7.80 9.60
CA LEU B 102 4.90 8.63 10.43
C LEU B 102 3.62 8.90 9.65
N THR B 103 2.48 8.61 10.28
CA THR B 103 1.19 8.74 9.60
C THR B 103 0.29 9.75 10.30
N PHE B 104 -0.58 10.39 9.52
CA PHE B 104 -1.62 11.24 10.10
C PHE B 104 -2.94 11.08 9.35
N THR B 105 -4.02 11.54 9.98
CA THR B 105 -5.34 11.51 9.35
C THR B 105 -6.23 12.62 9.90
N SER B 106 -7.12 13.12 9.06
CA SER B 106 -8.12 14.10 9.45
C SER B 106 -9.26 13.46 10.25
N ASP B 107 -9.27 12.13 10.33
CA ASP B 107 -10.32 11.38 11.02
C ASP B 107 -9.73 10.21 11.80
N ARG B 108 -9.61 10.37 13.12
CA ARG B 108 -8.92 9.40 13.98
C ARG B 108 -9.84 8.36 14.62
N ARG B 109 -11.14 8.43 14.35
CA ARG B 109 -12.11 7.47 14.88
C ARG B 109 -11.75 6.06 14.42
N ASN B 110 -12.09 5.04 15.21
CA ASN B 110 -11.96 3.63 14.82
CA ASN B 110 -11.84 3.69 14.74
C ASN B 110 -12.75 3.35 13.56
N MSE B 111 -12.33 2.38 12.76
CA MSE B 111 -13.05 2.02 11.53
C MSE B 111 -14.52 1.71 11.79
O MSE B 111 -15.39 2.09 11.00
CB MSE B 111 -12.38 0.83 10.84
CG MSE B 111 -10.98 1.09 10.36
SE MSE B 111 -10.38 -0.36 9.22
CE MSE B 111 -11.43 0.06 7.64
N ARG B 112 -14.82 1.03 12.90
CA ARG B 112 -16.19 0.66 13.22
C ARG B 112 -17.04 1.86 13.61
N GLU B 113 -16.40 2.90 14.15
CA GLU B 113 -17.08 4.16 14.42
C GLU B 113 -17.39 4.88 13.12
N LYS B 114 -16.44 4.84 12.19
CA LYS B 114 -16.59 5.49 10.89
C LYS B 114 -17.71 4.87 10.06
N TYR B 115 -17.75 3.54 10.04
CA TYR B 115 -18.76 2.81 9.27
C TYR B 115 -20.07 2.67 10.05
N GLY B 116 -20.00 2.91 11.36
CA GLY B 116 -21.18 2.84 12.23
C GLY B 116 -21.65 1.42 12.53
N SER B 117 -20.80 0.44 12.21
CA SER B 117 -21.13 -0.97 12.31
C SER B 117 -19.87 -1.81 12.18
N GLY B 118 -20.00 -3.11 12.45
CA GLY B 118 -18.91 -4.06 12.22
C GLY B 118 -18.87 -4.56 10.78
N VAL B 119 -19.84 -4.13 9.98
CA VAL B 119 -19.86 -4.42 8.54
C VAL B 119 -20.21 -3.15 7.76
N ASP B 120 -19.80 -3.09 6.49
CA ASP B 120 -20.20 -1.99 5.62
C ASP B 120 -21.58 -2.25 5.00
N LYS B 121 -22.00 -1.39 4.07
CA LYS B 121 -23.31 -1.49 3.43
C LYS B 121 -23.52 -2.79 2.62
N ASP B 122 -22.42 -3.44 2.25
CA ASP B 122 -22.44 -4.67 1.48
C ASP B 122 -22.14 -5.91 2.32
N ASN B 123 -22.24 -5.75 3.65
CA ASN B 123 -21.98 -6.82 4.63
C ASN B 123 -20.52 -7.29 4.66
N LEU B 124 -19.60 -6.43 4.24
CA LEU B 124 -18.18 -6.73 4.31
C LEU B 124 -17.61 -6.27 5.65
N ARG B 125 -16.81 -7.12 6.26
CA ARG B 125 -16.31 -6.92 7.61
C ARG B 125 -15.47 -5.65 7.76
N VAL B 126 -15.74 -4.91 8.83
CA VAL B 126 -14.96 -3.75 9.21
C VAL B 126 -14.08 -4.17 10.39
N GLU B 127 -12.78 -3.91 10.27
CA GLU B 127 -11.79 -4.32 11.28
C GLU B 127 -12.14 -3.81 12.67
N GLY B 128 -11.88 -4.63 13.69
CA GLY B 128 -12.18 -4.30 15.08
C GLY B 128 -10.95 -4.36 15.97
N PHE B 129 -9.96 -3.52 15.65
CA PHE B 129 -8.72 -3.49 16.40
C PHE B 129 -8.48 -2.13 17.06
N GLY B 130 -9.52 -1.31 17.14
CA GLY B 130 -9.42 0.04 17.72
C GLY B 130 -8.47 0.95 16.96
N LEU B 131 -8.41 0.77 15.64
CA LEU B 131 -7.55 1.57 14.77
C LEU B 131 -8.38 2.30 13.71
N PRO B 132 -7.89 3.45 13.23
CA PRO B 132 -8.64 4.29 12.28
C PRO B 132 -8.64 3.80 10.83
N PHE B 133 -7.78 2.81 10.52
CA PHE B 133 -7.67 2.29 9.17
C PHE B 133 -7.08 0.89 9.18
N ASN B 134 -6.97 0.29 8.00
CA ASN B 134 -6.42 -1.06 7.84
C ASN B 134 -5.18 -1.27 8.71
N LEU B 135 -5.19 -2.34 9.50
CA LEU B 135 -4.14 -2.59 10.50
C LEU B 135 -2.72 -2.67 9.94
N MSE B 136 -2.58 -3.02 8.65
CA MSE B 136 -1.27 -3.06 8.00
C MSE B 136 -0.57 -1.70 8.04
O MSE B 136 0.66 -1.62 8.02
CB MSE B 136 -1.38 -3.56 6.56
CG MSE B 136 -1.90 -4.99 6.40
SE MSE B 136 -0.91 -6.31 7.44
CE MSE B 136 0.81 -6.19 6.55
N LEU B 137 -1.38 -0.64 8.12
CA LEU B 137 -0.87 0.74 8.06
C LEU B 137 -0.40 1.29 9.41
N TYR B 138 -0.59 0.50 10.47
CA TYR B 138 -0.20 0.91 11.81
C TYR B 138 1.01 0.10 12.28
N ASP B 139 2.07 0.79 12.71
CA ASP B 139 3.31 0.11 13.11
C ASP B 139 3.71 0.33 14.58
N GLY B 140 2.83 0.95 15.36
CA GLY B 140 3.07 1.17 16.78
C GLY B 140 3.36 2.61 17.13
N VAL B 141 3.75 3.40 16.11
CA VAL B 141 3.91 4.83 16.27
C VAL B 141 2.52 5.46 16.32
N GLU B 142 2.36 6.46 17.18
CA GLU B 142 1.11 7.20 17.28
C GLU B 142 0.62 7.66 15.91
N VAL B 143 -0.69 7.55 15.69
CA VAL B 143 -1.34 8.14 14.52
C VAL B 143 -1.62 9.62 14.84
N PHE B 144 -0.95 10.51 14.13
CA PHE B 144 -1.04 11.96 14.36
C PHE B 144 -2.29 12.58 13.71
N ASP B 145 -2.62 13.81 14.10
CA ASP B 145 -3.81 14.53 13.62
CA ASP B 145 -3.82 14.43 13.54
C ASP B 145 -3.52 15.44 12.43
N SER B 146 -2.24 15.64 12.12
CA SER B 146 -1.83 16.58 11.09
C SER B 146 -0.41 16.31 10.63
N PHE B 147 -0.05 16.88 9.48
CA PHE B 147 1.32 16.82 9.00
C PHE B 147 2.28 17.43 10.03
N GLU B 148 1.89 18.58 10.57
CA GLU B 148 2.70 19.34 11.51
C GLU B 148 3.07 18.55 12.78
N SER B 149 2.09 17.84 13.34
CA SER B 149 2.33 17.04 14.55
CA SER B 149 2.32 17.03 14.54
C SER B 149 3.24 15.85 14.26
N ALA B 150 3.09 15.25 13.07
CA ALA B 150 3.98 14.17 12.64
C ALA B 150 5.40 14.69 12.49
N PHE B 151 5.52 15.87 11.89
CA PHE B 151 6.81 16.52 11.67
C PHE B 151 7.52 16.85 12.99
N LYS B 152 6.74 17.22 14.01
CA LYS B 152 7.31 17.47 15.34
C LYS B 152 7.95 16.22 15.92
N TYR B 153 7.30 15.08 15.74
CA TYR B 153 7.85 13.79 16.16
C TYR B 153 9.14 13.49 15.39
N PHE B 154 9.13 13.75 14.09
CA PHE B 154 10.34 13.54 13.29
C PHE B 154 11.51 14.35 13.86
N LEU B 155 11.28 15.61 14.16
CA LEU B 155 12.33 16.50 14.67
C LEU B 155 12.87 16.03 16.02
N ALA B 156 12.01 15.45 16.85
CA ALA B 156 12.41 14.98 18.17
C ALA B 156 13.13 13.64 18.12
N ASN B 157 12.87 12.86 17.07
CA ASN B 157 13.34 11.48 16.99
C ASN B 157 14.33 11.19 15.87
N PHE B 158 14.54 12.18 15.00
CA PHE B 158 15.56 12.09 13.96
C PHE B 158 16.37 13.39 13.92
N PRO B 159 17.28 13.57 14.89
CA PRO B 159 18.07 14.81 14.95
C PRO B 159 19.19 14.84 13.91
N SER B 160 19.72 16.03 13.66
CA SER B 160 20.86 16.22 12.76
C SER B 160 22.15 15.68 13.38
S SO4 C . 11.77 -24.38 1.91
O1 SO4 C . 12.35 -25.39 2.79
O2 SO4 C . 11.27 -23.27 2.71
O3 SO4 C . 10.69 -24.98 1.14
O4 SO4 C . 12.81 -23.88 0.99
CAB 5IQ D . 0.55 9.79 -8.93
CAF 5IQ D . -0.67 9.98 -9.59
CAK 5IQ D . -0.83 11.11 -10.39
NAH 5IQ D . 0.14 11.99 -10.53
CAD 5IQ D . 1.31 11.85 -9.92
CAA 5IQ D . 1.55 10.74 -9.10
CAC 5IQ D . 2.78 10.60 -8.47
CAG 5IQ D . 3.01 9.49 -7.65
CAI 5IQ D . 2.01 8.53 -7.48
CAE 5IQ D . 0.77 8.67 -8.11
NAJ 5IQ D . -0.18 7.75 -7.93
C1 GOL E . -6.40 -7.17 3.20
O1 GOL E . -6.41 -5.86 3.73
C2 GOL E . -5.40 -8.02 3.95
O2 GOL E . -4.22 -7.29 4.18
C3 GOL E . -5.10 -9.33 3.22
O3 GOL E . -4.29 -9.12 2.07
S SO4 F . 23.14 14.06 1.62
O1 SO4 F . 24.31 14.60 0.91
O2 SO4 F . 22.29 13.34 0.67
O3 SO4 F . 22.38 15.17 2.20
O4 SO4 F . 23.57 13.15 2.66
CAB 5IQ G . -6.44 -8.11 8.35
CAF 5IQ G . -7.67 -7.64 8.77
CAK 5IQ G . -8.54 -8.49 9.45
NAH 5IQ G . -8.18 -9.75 9.69
CAD 5IQ G . -7.01 -10.24 9.30
CAA 5IQ G . -6.10 -9.44 8.62
CAC 5IQ G . -4.87 -9.95 8.22
CAG 5IQ G . -3.96 -9.13 7.54
CAI 5IQ G . -4.30 -7.80 7.27
CAE 5IQ G . -5.53 -7.29 7.67
NAJ 5IQ G . -5.83 -6.02 7.40
C1 GOL H . -0.82 9.28 -4.46
O1 GOL H . -1.56 8.09 -4.62
C2 GOL H . 0.50 8.92 -3.79
O2 GOL H . 1.22 8.08 -4.64
C3 GOL H . 1.32 10.17 -3.50
O3 GOL H . 1.88 9.99 -2.22
#